data_6RXS
#
_entry.id   6RXS
#
_cell.length_a   90.190
_cell.length_b   79.050
_cell.length_c   39.870
_cell.angle_alpha   90.000
_cell.angle_beta   110.770
_cell.angle_gamma   90.000
#
_symmetry.space_group_name_H-M   'C 1 2 1'
#
loop_
_entity.id
_entity.type
_entity.pdbx_description
1 polymer 'NAD-dependent protein deacylase'
2 polymer 'Histone H4'
3 non-polymer 'ZINC ION'
4 non-polymer GLYCEROL
5 water water
#
loop_
_entity_poly.entity_id
_entity_poly.type
_entity_poly.pdbx_seq_one_letter_code
_entity_poly.pdbx_strand_id
1 'polypeptide(L)'
;MGSSHHHHHHSQDPKPRVLVLTGAGISAESGIRTFRAADGLWEEHRVEDVGTPEGFDRDPELVQAFANARRRQLQQPEIQ
PNAAHLALAKLQDALGDRFLLVTQNLDNLHERAGNTNVIHMHGELLKVRCSQSGQVLDWTGDVTPEDKCHCCQFPAPLRP
HYVWFGEMPLGMDEIYMALSMADIFIAIGTSGHVYPAAGFVHEAKLHGAHTVELNLEPSQVGNEFAEKYYGPASQVVPEF
VEKLLKGLKAGSIA
;
A
2 'polypeptide(L)' KGGA(ALY)RHRKIL B
#
loop_
_chem_comp.id
_chem_comp.type
_chem_comp.name
_chem_comp.formula
GOL non-polymer GLYCEROL 'C3 H8 O3'
ZN non-polymer 'ZINC ION' 'Zn 2'
#
# COMPACT_ATOMS: atom_id res chain seq x y z
N LYS A 15 -14.69 -14.67 12.91
CA LYS A 15 -14.58 -13.40 13.62
C LYS A 15 -14.66 -12.25 12.61
N PRO A 16 -14.48 -11.01 13.06
CA PRO A 16 -14.68 -9.87 12.16
C PRO A 16 -13.71 -9.82 10.97
N ARG A 17 -14.16 -9.20 9.88
CA ARG A 17 -13.29 -8.99 8.73
C ARG A 17 -12.62 -7.64 8.89
N VAL A 18 -11.32 -7.61 8.62
CA VAL A 18 -10.53 -6.42 8.83
C VAL A 18 -9.84 -6.02 7.54
N LEU A 19 -9.96 -4.75 7.18
CA LEU A 19 -9.30 -4.24 5.98
CA LEU A 19 -9.29 -4.24 5.99
C LEU A 19 -8.37 -3.12 6.42
N VAL A 20 -7.10 -3.23 6.01
CA VAL A 20 -6.11 -2.23 6.36
C VAL A 20 -5.65 -1.54 5.08
N LEU A 21 -5.59 -0.21 5.15
CA LEU A 21 -5.05 0.65 4.07
C LEU A 21 -3.82 1.31 4.63
N THR A 22 -2.70 1.17 3.94
CA THR A 22 -1.50 1.89 4.36
C THR A 22 -0.99 2.87 3.30
N GLY A 23 -0.33 3.90 3.83
CA GLY A 23 0.37 4.87 3.00
C GLY A 23 1.80 5.11 3.43
N ALA A 24 2.37 6.18 2.87
CA ALA A 24 3.81 6.40 3.00
C ALA A 24 4.27 6.52 4.41
N GLY A 25 3.37 6.92 5.30
CA GLY A 25 3.76 7.16 6.67
C GLY A 25 4.27 5.93 7.38
N ILE A 26 3.79 4.75 7.01
CA ILE A 26 4.20 3.55 7.72
C ILE A 26 5.61 3.11 7.36
N SER A 27 6.11 3.55 6.21
CA SER A 27 7.46 3.17 5.77
C SER A 27 8.50 4.26 6.03
N ALA A 28 8.04 5.42 6.47
CA ALA A 28 8.95 6.52 6.76
C ALA A 28 10.06 6.13 7.74
N GLU A 29 9.71 5.41 8.81
CA GLU A 29 10.73 5.06 9.80
C GLU A 29 11.69 4.00 9.30
N SER A 30 11.39 3.41 8.15
CA SER A 30 12.29 2.44 7.55
C SER A 30 13.25 3.14 6.62
N GLY A 31 13.07 4.44 6.43
CA GLY A 31 13.96 5.23 5.62
C GLY A 31 13.46 5.43 4.19
N ILE A 32 12.20 5.07 3.92
CA ILE A 32 11.62 5.21 2.60
C ILE A 32 10.89 6.55 2.50
N ARG A 33 11.33 7.39 1.57
CA ARG A 33 10.68 8.69 1.34
C ARG A 33 9.55 8.61 0.33
N THR A 34 8.68 9.61 0.32
CA THR A 34 7.63 9.72 -0.70
C THR A 34 8.24 9.66 -2.10
N PHE A 35 7.58 8.91 -2.99
CA PHE A 35 8.04 8.81 -4.38
C PHE A 35 7.54 9.98 -5.22
N ARG A 36 8.49 10.79 -5.71
CA ARG A 36 8.21 11.95 -6.56
C ARG A 36 7.20 12.90 -5.92
N ALA A 37 7.43 13.22 -4.65
CA ALA A 37 6.67 14.25 -3.93
C ALA A 37 5.15 14.07 -4.04
N ARG A 58 6.58 13.96 -16.82
CA ARG A 58 7.78 14.79 -16.79
C ARG A 58 8.82 14.28 -17.80
N ASP A 59 10.10 14.42 -17.48
CA ASP A 59 11.17 13.97 -18.37
C ASP A 59 11.48 12.46 -18.19
N PRO A 60 11.31 11.65 -19.26
CA PRO A 60 11.48 10.20 -19.10
C PRO A 60 12.81 9.74 -18.48
N GLU A 61 13.94 10.28 -18.92
CA GLU A 61 15.25 9.85 -18.43
C GLU A 61 15.44 10.13 -16.95
N LEU A 62 15.01 11.32 -16.52
CA LEU A 62 15.13 11.67 -15.12
C LEU A 62 14.17 10.82 -14.30
N VAL A 63 12.95 10.66 -14.79
CA VAL A 63 11.96 9.81 -14.13
C VAL A 63 12.49 8.39 -13.97
N GLN A 64 13.08 7.84 -15.02
CA GLN A 64 13.65 6.50 -14.94
C GLN A 64 14.80 6.45 -13.90
N ALA A 65 15.61 7.48 -13.86
CA ALA A 65 16.70 7.54 -12.89
C ALA A 65 16.19 7.49 -11.45
N PHE A 66 15.16 8.26 -11.16
CA PHE A 66 14.57 8.30 -9.82
C PHE A 66 13.95 6.96 -9.47
N ALA A 67 13.17 6.40 -10.40
CA ALA A 67 12.56 5.10 -10.17
C ALA A 67 13.64 4.06 -9.92
N ASN A 68 14.70 4.09 -10.70
CA ASN A 68 15.76 3.13 -10.54
C ASN A 68 16.48 3.27 -9.16
N ALA A 69 16.65 4.52 -8.70
CA ALA A 69 17.27 4.78 -7.41
C ALA A 69 16.40 4.29 -6.25
N ARG A 70 15.09 4.43 -6.41
CA ARG A 70 14.19 3.95 -5.38
C ARG A 70 14.13 2.42 -5.35
N ARG A 71 14.17 1.76 -6.52
CA ARG A 71 14.23 0.31 -6.56
C ARG A 71 15.50 -0.17 -5.90
N ARG A 72 16.60 0.53 -6.18
CA ARG A 72 17.91 0.16 -5.65
C ARG A 72 17.92 0.28 -4.12
N GLN A 73 17.28 1.33 -3.62
CA GLN A 73 17.20 1.56 -2.20
C GLN A 73 16.60 0.34 -1.51
N LEU A 74 15.61 -0.27 -2.15
CA LEU A 74 14.91 -1.40 -1.53
C LEU A 74 15.75 -2.66 -1.38
N GLN A 75 16.89 -2.69 -2.06
CA GLN A 75 17.81 -3.85 -2.03
C GLN A 75 18.94 -3.67 -1.03
N GLN A 76 19.01 -2.52 -0.36
CA GLN A 76 20.06 -2.31 0.61
C GLN A 76 19.77 -3.06 1.90
N PRO A 77 20.78 -3.74 2.50
CA PRO A 77 20.53 -4.50 3.72
C PRO A 77 20.02 -3.64 4.90
N GLU A 78 20.37 -2.37 4.90
CA GLU A 78 20.01 -1.47 5.99
C GLU A 78 18.52 -1.10 5.99
N ILE A 79 17.84 -1.32 4.86
CA ILE A 79 16.42 -1.07 4.70
C ILE A 79 15.67 -2.30 5.12
N GLN A 80 14.85 -2.17 6.17
CA GLN A 80 14.11 -3.30 6.73
C GLN A 80 12.70 -2.90 7.17
N PRO A 81 11.77 -3.86 7.20
CA PRO A 81 10.47 -3.51 7.80
C PRO A 81 10.62 -3.12 9.25
N ASN A 82 9.78 -2.19 9.69
CA ASN A 82 9.80 -1.68 11.05
C ASN A 82 8.71 -2.33 11.88
N ALA A 83 8.64 -1.95 13.15
CA ALA A 83 7.70 -2.62 14.07
C ALA A 83 6.23 -2.53 13.60
N ALA A 84 5.91 -1.45 12.89
CA ALA A 84 4.53 -1.27 12.40
C ALA A 84 4.25 -2.33 11.32
N HIS A 85 5.17 -2.52 10.39
CA HIS A 85 5.01 -3.53 9.36
C HIS A 85 4.85 -4.90 10.02
N LEU A 86 5.73 -5.17 10.98
CA LEU A 86 5.73 -6.49 11.61
C LEU A 86 4.45 -6.76 12.39
N ALA A 87 3.89 -5.75 13.01
CA ALA A 87 2.62 -5.91 13.74
C ALA A 87 1.46 -6.24 12.77
N LEU A 88 1.51 -5.73 11.55
CA LEU A 88 0.46 -6.03 10.59
C LEU A 88 0.57 -7.49 10.11
N ALA A 89 1.79 -8.01 10.01
CA ALA A 89 1.95 -9.43 9.69
C ALA A 89 1.37 -10.29 10.80
N LYS A 90 1.61 -9.91 12.05
CA LYS A 90 1.04 -10.64 13.19
C LYS A 90 -0.49 -10.63 13.12
N LEU A 91 -1.05 -9.48 12.74
CA LEU A 91 -2.49 -9.35 12.59
C LEU A 91 -3.05 -10.26 11.50
N GLN A 92 -2.36 -10.40 10.36
CA GLN A 92 -2.83 -11.32 9.31
C GLN A 92 -2.69 -12.78 9.77
N ASP A 93 -1.62 -13.09 10.49
CA ASP A 93 -1.44 -14.43 11.04
C ASP A 93 -2.61 -14.81 11.94
N ALA A 94 -3.08 -13.86 12.76
CA ALA A 94 -4.23 -14.14 13.67
C ALA A 94 -5.58 -14.29 12.95
N LEU A 95 -5.80 -13.51 11.89
CA LEU A 95 -7.09 -13.43 11.23
C LEU A 95 -7.26 -14.27 9.96
N GLY A 96 -6.15 -14.75 9.42
CA GLY A 96 -6.19 -15.48 8.17
C GLY A 96 -6.96 -14.78 7.06
N ASP A 97 -7.89 -15.49 6.44
CA ASP A 97 -8.55 -14.92 5.27
C ASP A 97 -9.54 -13.81 5.62
N ARG A 98 -9.73 -13.53 6.90
CA ARG A 98 -10.60 -12.44 7.31
C ARG A 98 -9.87 -11.10 7.30
N PHE A 99 -8.64 -11.10 6.78
CA PHE A 99 -7.76 -9.92 6.72
C PHE A 99 -7.37 -9.62 5.28
N LEU A 100 -7.38 -8.34 4.95
CA LEU A 100 -6.85 -7.88 3.68
C LEU A 100 -6.05 -6.60 3.90
N LEU A 101 -4.84 -6.58 3.35
CA LEU A 101 -4.01 -5.37 3.35
C LEU A 101 -3.96 -4.74 1.97
N VAL A 102 -4.33 -3.47 1.90
CA VAL A 102 -4.27 -2.68 0.68
C VAL A 102 -3.25 -1.58 0.94
N THR A 103 -2.24 -1.43 0.08
CA THR A 103 -1.29 -0.32 0.26
C THR A 103 -1.19 0.60 -0.97
N GLN A 104 -0.97 1.89 -0.68
CA GLN A 104 -0.58 2.88 -1.70
C GLN A 104 0.91 2.86 -1.98
N ASN A 105 1.65 2.11 -1.15
CA ASN A 105 3.12 2.14 -1.20
C ASN A 105 3.69 1.30 -2.32
N LEU A 106 4.82 1.74 -2.82
CA LEU A 106 5.51 1.04 -3.91
C LEU A 106 6.56 0.06 -3.39
N ASP A 107 6.87 0.16 -2.09
CA ASP A 107 7.88 -0.69 -1.51
C ASP A 107 7.35 -2.10 -1.19
N ASN A 108 8.27 -2.99 -0.87
CA ASN A 108 7.92 -4.38 -0.56
C ASN A 108 8.05 -4.70 0.94
N LEU A 109 7.95 -3.68 1.78
CA LEU A 109 8.20 -3.89 3.20
C LEU A 109 7.07 -4.68 3.84
N HIS A 110 5.84 -4.60 3.33
CA HIS A 110 4.77 -5.38 3.94
C HIS A 110 5.03 -6.88 3.70
N GLU A 111 5.46 -7.19 2.49
CA GLU A 111 5.76 -8.56 2.10
C GLU A 111 6.93 -9.11 2.93
N ARG A 112 7.98 -8.31 3.02
CA ARG A 112 9.15 -8.68 3.80
C ARG A 112 8.78 -8.90 5.27
N ALA A 113 7.81 -8.13 5.78
CA ALA A 113 7.36 -8.31 7.17
C ALA A 113 6.59 -9.63 7.39
N GLY A 114 6.03 -10.17 6.31
CA GLY A 114 5.33 -11.44 6.33
C GLY A 114 3.88 -11.41 5.87
N ASN A 115 3.38 -10.26 5.45
CA ASN A 115 2.02 -10.21 4.89
C ASN A 115 1.99 -10.87 3.51
N THR A 116 0.86 -11.48 3.20
CA THR A 116 0.65 -12.09 1.89
C THR A 116 -0.62 -11.54 1.28
N ASN A 117 -0.70 -11.66 -0.05
CA ASN A 117 -1.82 -11.14 -0.82
C ASN A 117 -2.03 -9.65 -0.57
N VAL A 118 -0.92 -8.92 -0.54
CA VAL A 118 -0.96 -7.49 -0.40
C VAL A 118 -1.39 -6.86 -1.71
N ILE A 119 -2.46 -6.07 -1.68
CA ILE A 119 -2.89 -5.35 -2.90
C ILE A 119 -2.18 -4.02 -3.00
N HIS A 120 -1.33 -3.88 -4.00
CA HIS A 120 -0.67 -2.62 -4.29
C HIS A 120 -1.50 -1.82 -5.27
N MET A 121 -2.37 -0.98 -4.74
CA MET A 121 -3.26 -0.21 -5.59
C MET A 121 -2.52 0.81 -6.49
N HIS A 122 -1.28 1.17 -6.14
CA HIS A 122 -0.48 2.05 -6.99
C HIS A 122 0.72 1.31 -7.55
N GLY A 123 0.66 -0.04 -7.56
CA GLY A 123 1.73 -0.84 -8.16
C GLY A 123 2.94 -0.88 -7.28
N GLU A 124 4.05 -1.36 -7.88
CA GLU A 124 5.24 -1.76 -7.12
C GLU A 124 6.49 -1.31 -7.85
N LEU A 125 7.52 -0.91 -7.11
CA LEU A 125 8.81 -0.61 -7.75
C LEU A 125 9.56 -1.87 -8.20
N LEU A 126 9.40 -2.98 -7.48
CA LEU A 126 10.16 -4.21 -7.78
C LEU A 126 9.41 -5.10 -8.79
N LYS A 127 8.61 -4.45 -9.66
CA LYS A 127 7.95 -5.09 -10.77
C LYS A 127 8.01 -4.13 -11.97
N VAL A 128 7.82 -4.71 -13.15
CA VAL A 128 7.65 -3.96 -14.39
C VAL A 128 6.52 -4.59 -15.12
N ARG A 129 6.05 -3.93 -16.17
CA ARG A 129 4.97 -4.45 -16.98
C ARG A 129 5.40 -4.43 -18.44
N CYS A 130 5.09 -5.51 -19.15
CA CYS A 130 5.31 -5.55 -20.59
C CYS A 130 4.40 -4.53 -21.26
N SER A 131 4.97 -3.63 -22.07
CA SER A 131 4.17 -2.60 -22.75
CA SER A 131 4.17 -2.60 -22.76
C SER A 131 3.16 -3.19 -23.74
N GLN A 132 3.44 -4.40 -24.20
CA GLN A 132 2.55 -5.04 -25.19
C GLN A 132 1.51 -5.94 -24.52
N SER A 133 1.97 -6.91 -23.75
CA SER A 133 1.03 -7.91 -23.20
C SER A 133 0.33 -7.46 -21.92
N GLY A 134 0.93 -6.51 -21.21
CA GLY A 134 0.43 -6.06 -19.92
C GLY A 134 0.82 -7.02 -18.80
N GLN A 135 1.59 -8.04 -19.11
CA GLN A 135 1.99 -9.00 -18.10
C GLN A 135 2.96 -8.35 -17.12
N VAL A 136 2.81 -8.69 -15.85
CA VAL A 136 3.65 -8.11 -14.81
C VAL A 136 4.81 -9.07 -14.53
N LEU A 137 6.01 -8.52 -14.39
CA LEU A 137 7.22 -9.30 -14.12
C LEU A 137 7.94 -8.76 -12.91
N ASP A 138 8.51 -9.65 -12.10
CA ASP A 138 9.42 -9.23 -11.04
C ASP A 138 10.65 -8.57 -11.69
N TRP A 139 11.17 -7.52 -11.07
CA TRP A 139 12.34 -6.84 -11.62
C TRP A 139 13.12 -6.21 -10.48
N THR A 140 14.41 -6.49 -10.37
CA THR A 140 15.17 -5.96 -9.23
C THR A 140 16.21 -4.92 -9.59
N GLY A 141 16.77 -5.01 -10.79
CA GLY A 141 17.81 -4.07 -11.18
C GLY A 141 17.30 -2.82 -11.88
N ASP A 142 18.22 -2.09 -12.50
CA ASP A 142 17.82 -0.95 -13.27
C ASP A 142 16.94 -1.38 -14.43
N VAL A 143 16.04 -0.48 -14.80
CA VAL A 143 15.33 -0.53 -16.08
C VAL A 143 16.01 0.45 -17.02
N THR A 144 16.23 0.02 -18.26
CA THR A 144 16.74 0.88 -19.32
C THR A 144 15.97 0.56 -20.59
N PRO A 145 16.03 1.46 -21.59
CA PRO A 145 15.33 1.18 -22.86
C PRO A 145 15.87 -0.07 -23.54
N GLU A 146 17.06 -0.52 -23.15
CA GLU A 146 17.58 -1.77 -23.67
C GLU A 146 16.85 -3.00 -23.11
N ASP A 147 16.12 -2.85 -22.02
CA ASP A 147 15.54 -4.03 -21.38
C ASP A 147 14.20 -4.38 -22.03
N LYS A 148 13.95 -5.67 -22.24
CA LYS A 148 12.75 -6.13 -22.95
C LYS A 148 12.07 -7.28 -22.22
N CYS A 149 10.82 -7.57 -22.60
CA CYS A 149 9.97 -8.55 -21.96
C CYS A 149 10.43 -9.95 -22.34
N HIS A 150 9.92 -10.97 -21.65
CA HIS A 150 10.10 -12.33 -22.17
C HIS A 150 8.76 -13.07 -22.21
N CYS A 151 7.70 -12.30 -22.50
CA CYS A 151 6.38 -12.88 -22.61
C CYS A 151 5.87 -12.83 -24.04
N CYS A 152 6.52 -12.05 -24.90
CA CYS A 152 6.00 -11.84 -26.25
C CYS A 152 6.85 -12.51 -27.34
N GLN A 153 6.21 -12.75 -28.49
CA GLN A 153 6.90 -13.41 -29.60
C GLN A 153 8.16 -12.68 -29.98
N PHE A 154 8.09 -11.35 -29.98
CA PHE A 154 9.25 -10.52 -30.18
C PHE A 154 9.32 -9.56 -29.00
N PRO A 155 10.44 -9.59 -28.27
CA PRO A 155 10.41 -8.87 -26.98
C PRO A 155 10.06 -7.39 -27.14
N ALA A 156 9.16 -6.92 -26.27
CA ALA A 156 8.65 -5.55 -26.27
C ALA A 156 9.28 -4.73 -25.13
N PRO A 157 9.21 -3.39 -25.22
CA PRO A 157 9.72 -2.56 -24.10
C PRO A 157 8.98 -2.84 -22.79
N LEU A 158 9.66 -2.56 -21.69
CA LEU A 158 9.13 -2.67 -20.33
C LEU A 158 8.68 -1.30 -19.84
N ARG A 159 7.62 -1.28 -19.05
CA ARG A 159 7.08 -0.03 -18.54
C ARG A 159 7.02 -0.16 -17.04
N PRO A 160 6.91 0.99 -16.34
CA PRO A 160 6.75 0.92 -14.88
C PRO A 160 5.51 0.14 -14.48
N HIS A 161 5.59 -0.54 -13.35
CA HIS A 161 4.40 -1.14 -12.78
C HIS A 161 3.70 -0.15 -11.82
N TYR A 162 4.41 0.83 -11.31
CA TYR A 162 3.73 1.81 -10.47
C TYR A 162 2.75 2.68 -11.28
N VAL A 163 1.72 3.11 -10.58
CA VAL A 163 0.66 3.98 -11.09
C VAL A 163 0.99 5.41 -10.76
N TRP A 164 1.05 6.28 -11.76
CA TRP A 164 1.31 7.68 -11.49
C TRP A 164 0.00 8.44 -11.44
N PHE A 165 0.05 9.66 -10.94
CA PHE A 165 -1.15 10.50 -10.97
C PHE A 165 -1.74 10.63 -12.38
N GLY A 166 -3.06 10.51 -12.47
CA GLY A 166 -3.74 10.50 -13.75
C GLY A 166 -3.99 9.10 -14.27
N GLU A 167 -3.23 8.11 -13.81
CA GLU A 167 -3.40 6.74 -14.25
C GLU A 167 -4.36 5.97 -13.34
N MET A 168 -4.81 4.82 -13.82
CA MET A 168 -5.85 4.09 -13.11
C MET A 168 -5.26 3.14 -12.04
N PRO A 169 -5.78 3.23 -10.82
CA PRO A 169 -5.22 2.35 -9.77
C PRO A 169 -5.56 0.88 -10.01
N LEU A 170 -4.83 0.02 -9.34
CA LEU A 170 -4.95 -1.44 -9.45
C LEU A 170 -5.78 -2.12 -8.36
N GLY A 171 -6.42 -3.23 -8.73
CA GLY A 171 -7.10 -4.09 -7.78
C GLY A 171 -8.38 -3.49 -7.21
N MET A 172 -8.96 -2.52 -7.90
CA MET A 172 -10.08 -1.78 -7.32
C MET A 172 -11.34 -2.65 -7.11
N ASP A 173 -11.63 -3.58 -8.02
CA ASP A 173 -12.83 -4.41 -7.81
C ASP A 173 -12.70 -5.20 -6.50
N GLU A 174 -11.53 -5.79 -6.30
CA GLU A 174 -11.28 -6.54 -5.07
C GLU A 174 -11.34 -5.64 -3.85
N ILE A 175 -10.79 -4.43 -3.96
CA ILE A 175 -10.77 -3.54 -2.82
C ILE A 175 -12.20 -3.13 -2.42
N TYR A 176 -13.01 -2.72 -3.38
CA TYR A 176 -14.38 -2.28 -3.07
C TYR A 176 -15.21 -3.44 -2.58
N MET A 177 -14.96 -4.65 -3.09
CA MET A 177 -15.65 -5.83 -2.57
C MET A 177 -15.29 -6.04 -1.08
N ALA A 178 -14.00 -5.92 -0.79
CA ALA A 178 -13.55 -6.04 0.60
C ALA A 178 -14.13 -4.96 1.49
N LEU A 179 -14.17 -3.72 1.03
CA LEU A 179 -14.76 -2.63 1.78
C LEU A 179 -16.22 -2.89 2.10
N SER A 180 -16.91 -3.50 1.16
CA SER A 180 -18.35 -3.72 1.33
C SER A 180 -18.60 -4.77 2.42
N MET A 181 -17.58 -5.57 2.75
CA MET A 181 -17.70 -6.64 3.76
C MET A 181 -16.91 -6.40 5.03
N ALA A 182 -16.18 -5.29 5.12
CA ALA A 182 -15.31 -5.12 6.27
C ALA A 182 -16.10 -4.72 7.52
N ASP A 183 -15.75 -5.32 8.65
CA ASP A 183 -16.27 -4.88 9.96
C ASP A 183 -15.43 -3.77 10.60
N ILE A 184 -14.11 -3.79 10.33
CA ILE A 184 -13.21 -2.73 10.77
C ILE A 184 -12.33 -2.31 9.57
N PHE A 185 -12.20 -1.00 9.35
CA PHE A 185 -11.34 -0.42 8.34
C PHE A 185 -10.29 0.44 9.06
N ILE A 186 -9.00 0.14 8.86
CA ILE A 186 -7.92 0.85 9.52
C ILE A 186 -7.03 1.49 8.48
N ALA A 187 -6.89 2.81 8.53
CA ALA A 187 -5.99 3.53 7.67
C ALA A 187 -4.74 3.95 8.45
N ILE A 188 -3.57 3.63 7.90
CA ILE A 188 -2.30 3.85 8.56
C ILE A 188 -1.33 4.67 7.71
N GLY A 189 -0.87 5.81 8.21
CA GLY A 189 0.14 6.59 7.49
C GLY A 189 -0.31 7.15 6.16
N THR A 190 -1.61 7.49 6.05
CA THR A 190 -2.16 8.08 4.83
C THR A 190 -2.56 9.52 5.07
N SER A 191 -2.32 10.35 4.06
CA SER A 191 -2.48 11.81 4.16
C SER A 191 -3.91 12.30 3.98
N GLY A 192 -4.76 11.49 3.33
CA GLY A 192 -6.10 11.89 2.99
C GLY A 192 -6.18 12.80 1.76
N HIS A 193 -5.07 12.94 1.04
CA HIS A 193 -4.97 13.83 -0.12
C HIS A 193 -5.14 13.13 -1.47
N VAL A 194 -4.93 11.82 -1.49
CA VAL A 194 -4.85 11.06 -2.74
C VAL A 194 -6.06 10.14 -2.90
N TYR A 195 -6.85 10.39 -3.94
CA TYR A 195 -8.02 9.58 -4.30
C TYR A 195 -7.62 8.59 -5.37
N PRO A 196 -8.35 7.48 -5.47
CA PRO A 196 -9.53 7.09 -4.69
C PRO A 196 -9.27 6.61 -3.26
N ALA A 197 -8.03 6.35 -2.88
CA ALA A 197 -7.74 5.78 -1.58
C ALA A 197 -8.34 6.62 -0.44
N ALA A 198 -8.33 7.95 -0.58
CA ALA A 198 -8.83 8.81 0.51
C ALA A 198 -10.33 8.68 0.68
N GLY A 199 -11.02 8.15 -0.32
CA GLY A 199 -12.46 7.93 -0.18
C GLY A 199 -12.84 6.62 0.50
N PHE A 200 -11.86 5.76 0.77
CA PHE A 200 -12.19 4.43 1.29
C PHE A 200 -12.88 4.56 2.64
N VAL A 201 -12.48 5.52 3.48
CA VAL A 201 -13.09 5.67 4.80
C VAL A 201 -14.59 5.96 4.64
N HIS A 202 -14.95 6.73 3.62
CA HIS A 202 -16.36 7.03 3.38
C HIS A 202 -17.10 5.76 2.95
N GLU A 203 -16.47 4.97 2.10
CA GLU A 203 -17.06 3.70 1.67
C GLU A 203 -17.26 2.75 2.84
N ALA A 204 -16.27 2.68 3.73
CA ALA A 204 -16.32 1.87 4.95
C ALA A 204 -17.52 2.27 5.80
N LYS A 205 -17.68 3.57 5.99
CA LYS A 205 -18.81 4.12 6.75
C LYS A 205 -20.15 3.70 6.13
N LEU A 206 -20.26 3.85 4.82
CA LEU A 206 -21.50 3.50 4.10
C LEU A 206 -21.89 2.05 4.30
N HIS A 207 -20.91 1.19 4.43
CA HIS A 207 -21.13 -0.24 4.60
C HIS A 207 -21.14 -0.73 6.05
N GLY A 208 -21.00 0.19 7.00
CA GLY A 208 -21.14 -0.11 8.42
C GLY A 208 -19.90 -0.57 9.14
N ALA A 209 -18.73 -0.32 8.56
CA ALA A 209 -17.48 -0.64 9.23
C ALA A 209 -17.08 0.37 10.28
N HIS A 210 -16.51 -0.14 11.37
CA HIS A 210 -15.83 0.73 12.32
C HIS A 210 -14.57 1.26 11.65
N THR A 211 -14.26 2.54 11.83
CA THR A 211 -13.13 3.17 11.15
C THR A 211 -12.10 3.69 12.16
N VAL A 212 -10.84 3.41 11.86
CA VAL A 212 -9.71 3.73 12.72
C VAL A 212 -8.62 4.41 11.90
N GLU A 213 -8.11 5.54 12.36
CA GLU A 213 -6.96 6.18 11.75
C GLU A 213 -5.72 6.07 12.66
N LEU A 214 -4.60 5.60 12.11
CA LEU A 214 -3.34 5.56 12.85
C LEU A 214 -2.35 6.36 12.02
N ASN A 215 -1.91 7.49 12.56
CA ASN A 215 -1.11 8.42 11.78
C ASN A 215 -0.15 9.19 12.66
N LEU A 216 0.85 9.84 12.06
CA LEU A 216 1.77 10.67 12.81
C LEU A 216 1.00 11.90 13.29
N GLU A 217 0.22 12.46 12.37
CA GLU A 217 -0.71 13.56 12.64
C GLU A 217 -2.01 13.36 11.87
N PRO A 218 -3.06 14.09 12.26
CA PRO A 218 -4.36 14.04 11.56
C PRO A 218 -4.25 14.15 10.03
N SER A 219 -4.95 13.26 9.34
CA SER A 219 -5.04 13.30 7.88
C SER A 219 -6.08 14.32 7.46
N GLN A 220 -6.15 14.56 6.16
CA GLN A 220 -7.11 15.50 5.58
C GLN A 220 -8.56 15.10 5.90
N VAL A 221 -8.77 13.81 6.17
CA VAL A 221 -10.10 13.31 6.48
C VAL A 221 -10.14 12.69 7.89
N GLY A 222 -9.27 13.16 8.79
CA GLY A 222 -9.13 12.61 10.13
C GLY A 222 -10.43 12.61 10.92
N ASN A 223 -11.24 13.64 10.69
CA ASN A 223 -12.52 13.75 11.36
C ASN A 223 -13.54 12.73 10.86
N GLU A 224 -13.28 12.11 9.71
CA GLU A 224 -14.20 11.09 9.23
C GLU A 224 -14.05 9.74 9.95
N PHE A 225 -13.01 9.59 10.79
CA PHE A 225 -12.78 8.32 11.46
C PHE A 225 -13.39 8.33 12.84
N ALA A 226 -13.88 7.17 13.26
CA ALA A 226 -14.55 7.00 14.56
C ALA A 226 -13.56 6.88 15.71
N GLU A 227 -12.38 6.36 15.41
CA GLU A 227 -11.35 6.14 16.42
C GLU A 227 -10.02 6.50 15.80
N LYS A 228 -9.13 7.09 16.58
CA LYS A 228 -7.89 7.59 16.02
C LYS A 228 -6.83 7.73 17.07
N TYR A 229 -5.63 7.33 16.69
CA TYR A 229 -4.45 7.47 17.53
C TYR A 229 -3.31 8.10 16.76
N TYR A 230 -2.55 9.00 17.39
CA TYR A 230 -1.50 9.71 16.69
C TYR A 230 -0.15 9.56 17.37
N GLY A 231 0.88 9.44 16.56
CA GLY A 231 2.22 9.16 17.02
C GLY A 231 3.00 8.38 15.99
N PRO A 232 4.31 8.14 16.24
CA PRO A 232 5.14 7.35 15.31
C PRO A 232 4.51 5.99 15.05
N ALA A 233 4.49 5.56 13.79
CA ALA A 233 3.88 4.30 13.42
C ALA A 233 4.49 3.12 14.15
N SER A 234 5.79 3.17 14.40
CA SER A 234 6.46 2.03 15.03
C SER A 234 5.99 1.80 16.49
N GLN A 235 5.42 2.83 17.12
CA GLN A 235 4.82 2.77 18.44
C GLN A 235 3.31 2.55 18.34
N VAL A 236 2.65 3.40 17.56
CA VAL A 236 1.20 3.44 17.55
C VAL A 236 0.59 2.16 16.97
N VAL A 237 1.18 1.64 15.89
CA VAL A 237 0.58 0.50 15.23
C VAL A 237 0.67 -0.80 16.04
N PRO A 238 1.84 -1.16 16.58
CA PRO A 238 1.85 -2.34 17.45
C PRO A 238 0.92 -2.23 18.66
N GLU A 239 0.81 -1.04 19.25
CA GLU A 239 -0.07 -0.89 20.41
C GLU A 239 -1.52 -1.13 19.99
N PHE A 240 -1.95 -0.51 18.89
CA PHE A 240 -3.30 -0.74 18.47
C PHE A 240 -3.55 -2.21 18.10
N VAL A 241 -2.61 -2.82 17.38
CA VAL A 241 -2.81 -4.20 16.98
C VAL A 241 -2.98 -5.11 18.21
N GLU A 242 -2.20 -4.88 19.28
CA GLU A 242 -2.39 -5.63 20.52
C GLU A 242 -3.78 -5.43 21.08
N LYS A 243 -4.19 -4.17 21.17
CA LYS A 243 -5.53 -3.84 21.64
C LYS A 243 -6.58 -4.62 20.86
N LEU A 244 -6.48 -4.60 19.55
CA LEU A 244 -7.46 -5.23 18.71
C LEU A 244 -7.44 -6.74 18.89
N LEU A 245 -6.25 -7.33 18.90
CA LEU A 245 -6.13 -8.78 19.01
C LEU A 245 -6.74 -9.25 20.32
N LYS A 246 -6.53 -8.46 21.38
CA LYS A 246 -7.04 -8.85 22.69
C LYS A 246 -8.55 -8.78 22.70
N GLY A 247 -9.09 -7.71 22.13
CA GLY A 247 -10.54 -7.57 22.02
C GLY A 247 -11.13 -8.68 21.17
N LEU A 248 -10.40 -9.10 20.14
CA LEU A 248 -10.83 -10.19 19.29
C LEU A 248 -10.63 -11.54 19.97
N LYS A 249 -10.03 -11.52 21.16
CA LYS A 249 -9.61 -12.73 21.85
C LYS A 249 -8.85 -13.65 20.89
N ALA A 250 -7.91 -13.06 20.14
CA ALA A 250 -7.20 -13.79 19.10
C ALA A 250 -5.69 -13.61 19.13
N GLY A 251 -5.10 -13.72 20.31
CA GLY A 251 -3.65 -13.79 20.43
C GLY A 251 -2.98 -12.51 20.92
N SER A 252 -1.71 -12.35 20.52
CA SER A 252 -0.85 -11.30 21.05
C SER A 252 0.51 -11.32 20.35
N LYS B 1 -17.04 7.01 -6.35
CA LYS B 1 -15.90 6.13 -6.11
C LYS B 1 -15.20 5.75 -7.43
N GLY B 2 -14.04 5.09 -7.32
CA GLY B 2 -13.22 4.80 -8.47
C GLY B 2 -12.52 6.05 -9.00
N GLY B 3 -12.24 6.06 -10.30
CA GLY B 3 -11.55 7.18 -10.92
C GLY B 3 -10.03 7.04 -10.90
N ALA B 4 -9.37 7.92 -11.63
CA ALA B 4 -7.91 7.91 -11.67
C ALA B 4 -7.29 8.30 -10.33
OH ALY B 5 1.62 7.82 -5.21
CH ALY B 5 1.77 7.34 -6.36
CH3 ALY B 5 3.08 6.73 -6.79
NZ ALY B 5 0.73 7.31 -7.24
CE ALY B 5 -0.59 7.86 -6.99
CD ALY B 5 -1.62 7.46 -8.05
CG ALY B 5 -2.93 8.21 -7.90
CB ALY B 5 -3.84 7.76 -9.01
CA ALY B 5 -5.24 8.38 -9.06
N ALY B 5 -6.05 7.89 -10.14
C ALY B 5 -5.05 9.89 -9.18
O ALY B 5 -4.52 10.42 -10.16
HH31 ALY B 5 3.46 7.30 -7.67
HH32 ALY B 5 2.94 5.67 -7.08
HH33 ALY B 5 3.83 6.80 -5.97
HZ ALY B 5 0.89 6.93 -8.14
HE3 ALY B 5 -0.52 8.99 -6.94
HE2 ALY B 5 -0.94 7.49 -5.99
HD3 ALY B 5 -1.81 6.36 -7.99
HD2 ALY B 5 -1.20 7.65 -9.07
HG3 ALY B 5 -2.74 9.31 -7.96
HG2 ALY B 5 -3.38 7.99 -6.91
HB3 ALY B 5 -3.98 6.64 -8.92
HB2 ALY B 5 -3.33 7.94 -9.99
HA ALY B 5 -5.78 8.16 -8.08
H ALY B 5 -5.57 7.22 -10.71
N ARG B 6 -5.54 10.62 -8.18
CA ARG B 6 -5.58 12.07 -8.27
C ARG B 6 -5.47 12.73 -6.91
N HIS B 7 -4.83 13.90 -6.90
CA HIS B 7 -4.66 14.66 -5.67
CA HIS B 7 -4.67 14.67 -5.67
C HIS B 7 -5.93 15.47 -5.43
N ARG B 8 -6.30 15.59 -4.16
CA ARG B 8 -7.50 16.32 -3.70
C ARG B 8 -7.97 17.45 -4.62
ZN ZN C . 5.75 -9.11 -23.60
C1 GOL D . -3.63 -7.06 -7.37
O1 GOL D . -4.76 -6.63 -8.11
C2 GOL D . -2.38 -6.48 -8.00
O2 GOL D . -2.70 -5.98 -9.29
C3 GOL D . -1.82 -5.36 -7.14
O3 GOL D . -1.27 -5.87 -5.92
H11 GOL D . -3.72 -6.71 -6.34
H12 GOL D . -3.58 -8.15 -7.37
HO1 GOL D . -5.57 -7.06 -7.74
H2 GOL D . -1.63 -7.28 -8.09
HO2 GOL D . -3.36 -5.27 -9.20
H31 GOL D . -1.05 -4.82 -7.68
H32 GOL D . -2.62 -4.66 -6.90
HO3 GOL D . -0.34 -6.16 -6.08
C1 GOL E . 0.28 0.02 -13.70
O1 GOL E . 0.67 -1.31 -13.42
C2 GOL E . 1.29 0.70 -14.62
O2 GOL E . 1.73 -0.20 -15.60
C3 GOL E . 0.65 1.89 -15.32
O3 GOL E . -0.29 2.52 -14.49
H11 GOL E . -0.70 0.02 -14.18
H12 GOL E . 0.20 0.58 -12.77
HO1 GOL E . 0.04 -1.71 -12.78
H2 GOL E . 2.14 1.05 -14.01
HO2 GOL E . 0.97 -0.49 -16.14
H31 GOL E . 1.43 2.60 -15.59
H32 GOL E . 0.16 1.56 -16.23
HO3 GOL E . -0.95 3.00 -15.04
C1 GOL F . -9.44 12.23 -12.95
O1 GOL F . -10.22 11.94 -11.81
C2 GOL F . -8.55 13.43 -12.75
O2 GOL F . -8.73 13.92 -11.45
C3 GOL F . -7.08 13.08 -13.00
O3 GOL F . -6.35 14.22 -13.40
H11 GOL F . -10.11 12.40 -13.80
H12 GOL F . -8.82 11.37 -13.19
HO1 GOL F . -10.82 11.19 -12.01
H2 GOL F . -8.84 14.21 -13.47
HO2 GOL F . -8.45 13.24 -10.80
H31 GOL F . -6.65 12.67 -12.08
H32 GOL F . -7.02 12.31 -13.77
HO3 GOL F . -5.49 13.94 -13.75
#